data_6W3O
#
_entry.id   6W3O
#
_cell.length_a   42.420
_cell.length_b   137.720
_cell.length_c   48.790
_cell.angle_alpha   90.000
_cell.angle_beta   94.040
_cell.angle_gamma   90.000
#
_symmetry.space_group_name_H-M   'P 1 21 1'
#
loop_
_entity.id
_entity.type
_entity.pdbx_description
1 polymer 'Methyl-accepting chemotaxis protein'
2 non-polymer 4-methylisoleucine
3 non-polymer 'SULFATE ION'
4 non-polymer 'SODIUM ION'
5 non-polymer 'CHLORIDE ION'
6 water water
#
_entity_poly.entity_id   1
_entity_poly.type   'polypeptide(L)'
_entity_poly.pdbx_seq_one_letter_code
;GIDPFTKTSLYESTLKNQTDLLKVTQSTVEDFRSTNQSFTRALEKDIANLPYQSLITEENIINNVGPILKYYRHSINALN
VYLGLNNGKVLLSQKSNDAKMPELRDDLDIKTKDWYQEALKTNDIFVTPAYLDTVLKQYVITYSKAIYKDGKIIGVLGVD
IPSEDLQNLVAKTPGNTFLFDQKNKIFAATNKELLNPSIDHSPVLNAYKLNGDNNFFSYKLNNEERLGACTKVFAYTACI
TESADIINKPIYKA
;
_entity_poly.pdbx_strand_id   A,B
#
loop_
_chem_comp.id
_chem_comp.type
_chem_comp.name
_chem_comp.formula
CL non-polymer 'CHLORIDE ION' 'Cl -1'
NA non-polymer 'SODIUM ION' 'Na 1'
SO4 non-polymer 'SULFATE ION' 'O4 S -2'
#
# COMPACT_ATOMS: atom_id res chain seq x y z
N ILE A 2 -38.26 1.04 18.92
CA ILE A 2 -38.56 1.08 20.37
C ILE A 2 -38.27 -0.26 21.07
N ASP A 3 -38.82 -1.38 20.55
CA ASP A 3 -38.69 -2.68 21.21
C ASP A 3 -37.20 -2.95 21.45
N PRO A 4 -36.82 -3.27 22.70
CA PRO A 4 -35.39 -3.41 22.99
C PRO A 4 -34.64 -4.44 22.15
N PHE A 5 -35.33 -5.49 21.72
CA PHE A 5 -34.77 -6.43 20.77
C PHE A 5 -34.28 -5.75 19.52
N THR A 6 -35.12 -4.89 18.95
CA THR A 6 -34.77 -4.18 17.73
C THR A 6 -33.63 -3.18 17.94
N LYS A 7 -33.66 -2.44 19.04
CA LYS A 7 -32.61 -1.48 19.32
C LYS A 7 -31.27 -2.19 19.52
N THR A 8 -31.27 -3.28 20.27
CA THR A 8 -30.08 -4.11 20.43
C THR A 8 -29.54 -4.63 19.11
N SER A 9 -30.42 -5.04 18.20
CA SER A 9 -29.97 -5.50 16.89
C SER A 9 -29.30 -4.38 16.07
N LEU A 10 -29.85 -3.17 16.17
CA LEU A 10 -29.29 -2.05 15.44
C LEU A 10 -27.96 -1.64 16.07
N TYR A 11 -27.92 -1.61 17.39
CA TYR A 11 -26.69 -1.25 18.07
C TYR A 11 -25.57 -2.23 17.74
N GLU A 12 -25.84 -3.53 17.84
CA GLU A 12 -24.83 -4.53 17.58
C GLU A 12 -24.35 -4.47 16.13
N SER A 13 -25.25 -4.20 15.20
CA SER A 13 -24.88 -4.08 13.77
C SER A 13 -23.95 -2.87 13.56
N THR A 14 -24.33 -1.74 14.12
CA THR A 14 -23.58 -0.54 13.86
C THR A 14 -22.23 -0.54 14.58
N LEU A 15 -22.17 -1.18 15.74
CA LEU A 15 -20.91 -1.39 16.42
C LEU A 15 -19.94 -2.20 15.55
N LYS A 16 -20.43 -3.26 14.93
CA LYS A 16 -19.62 -4.08 14.04
C LYS A 16 -19.12 -3.26 12.87
N ASN A 17 -20.02 -2.54 12.18
N ASN A 17 -20.03 -2.51 12.24
CA ASN A 17 -19.63 -1.76 11.00
CA ASN A 17 -19.73 -1.76 11.04
C ASN A 17 -18.58 -0.73 11.38
C ASN A 17 -18.64 -0.72 11.36
N GLN A 18 -18.83 0.02 12.44
CA GLN A 18 -17.94 1.12 12.76
C GLN A 18 -16.58 0.58 13.22
N THR A 19 -16.60 -0.53 13.96
N THR A 19 -16.55 -0.57 13.87
CA THR A 19 -15.36 -1.23 14.33
CA THR A 19 -15.25 -1.10 14.29
C THR A 19 -14.57 -1.60 13.07
C THR A 19 -14.50 -1.81 13.15
N ASP A 20 -15.24 -2.24 12.12
CA ASP A 20 -14.58 -2.61 10.85
C ASP A 20 -13.91 -1.39 10.24
N LEU A 21 -14.65 -0.31 10.11
CA LEU A 21 -14.11 0.88 9.46
C LEU A 21 -12.97 1.51 10.22
N LEU A 22 -13.07 1.52 11.54
CA LEU A 22 -11.93 1.96 12.34
C LEU A 22 -10.69 1.14 12.02
N LYS A 23 -10.86 -0.16 11.95
N LYS A 23 -10.86 -0.18 11.96
CA LYS A 23 -9.74 -1.02 11.67
CA LYS A 23 -9.76 -1.07 11.64
C LYS A 23 -9.12 -0.79 10.27
C LYS A 23 -9.13 -0.78 10.28
N VAL A 24 -9.94 -0.40 9.30
CA VAL A 24 -9.38 -0.06 7.98
C VAL A 24 -8.47 1.17 8.10
N THR A 25 -8.86 2.17 8.89
CA THR A 25 -7.97 3.33 9.11
C THR A 25 -6.74 2.94 9.92
N GLN A 26 -6.87 2.06 10.91
CA GLN A 26 -5.70 1.51 11.58
C GLN A 26 -4.74 0.83 10.59
N SER A 27 -5.25 -0.02 9.73
CA SER A 27 -4.46 -0.75 8.76
C SER A 27 -3.76 0.21 7.82
N THR A 28 -4.44 1.29 7.46
CA THR A 28 -3.87 2.27 6.55
C THR A 28 -2.58 2.84 7.17
N VAL A 29 -2.66 3.24 8.43
CA VAL A 29 -1.50 3.80 9.11
C VAL A 29 -0.39 2.74 9.21
N GLU A 30 -0.75 1.52 9.61
CA GLU A 30 0.22 0.44 9.71
C GLU A 30 0.96 0.15 8.42
N ASP A 31 0.21 0.07 7.33
CA ASP A 31 0.78 -0.32 6.08
C ASP A 31 1.69 0.81 5.52
N PHE A 32 1.31 2.06 5.75
CA PHE A 32 2.16 3.20 5.38
C PHE A 32 3.51 3.06 6.08
N ARG A 33 3.47 2.86 7.39
N ARG A 33 3.48 2.85 7.40
CA ARG A 33 4.69 2.74 8.16
CA ARG A 33 4.73 2.73 8.13
C ARG A 33 5.53 1.53 7.75
C ARG A 33 5.58 1.56 7.61
N SER A 34 4.89 0.37 7.53
N SER A 34 4.99 0.35 7.56
N SER A 34 4.85 0.34 7.48
CA SER A 34 5.61 -0.84 7.22
CA SER A 34 5.77 -0.84 7.23
CA SER A 34 5.66 -0.85 7.21
C SER A 34 6.31 -0.76 5.86
C SER A 34 6.34 -0.78 5.83
C SER A 34 6.32 -0.76 5.85
N THR A 35 5.62 -0.18 4.88
CA THR A 35 6.20 -0.01 3.54
C THR A 35 7.45 0.88 3.62
N ASN A 36 7.37 1.96 4.38
CA ASN A 36 8.52 2.85 4.51
C ASN A 36 9.67 2.22 5.26
N GLN A 37 9.35 1.43 6.27
CA GLN A 37 10.40 0.70 6.98
C GLN A 37 11.08 -0.32 6.10
N SER A 38 10.30 -1.08 5.33
N SER A 38 10.32 -1.08 5.30
CA SER A 38 10.92 -2.08 4.46
CA SER A 38 10.96 -2.10 4.45
C SER A 38 11.86 -1.40 3.46
C SER A 38 11.82 -1.46 3.37
N PHE A 39 11.39 -0.30 2.88
CA PHE A 39 12.21 0.48 1.95
C PHE A 39 13.54 0.90 2.59
N THR A 40 13.44 1.42 3.80
CA THR A 40 14.61 1.94 4.51
C THR A 40 15.58 0.80 4.79
N ARG A 41 15.05 -0.36 5.19
N ARG A 41 15.04 -0.36 5.20
CA ARG A 41 15.90 -1.51 5.47
CA ARG A 41 15.85 -1.52 5.47
C ARG A 41 16.60 -2.01 4.21
C ARG A 41 16.58 -1.99 4.22
N ALA A 42 15.89 -2.02 3.08
CA ALA A 42 16.52 -2.43 1.83
C ALA A 42 17.67 -1.48 1.46
N LEU A 43 17.45 -0.19 1.65
CA LEU A 43 18.47 0.80 1.35
C LEU A 43 19.69 0.63 2.28
N GLU A 44 19.42 0.42 3.57
CA GLU A 44 20.52 0.13 4.49
C GLU A 44 21.34 -1.03 3.97
N LYS A 45 20.67 -2.13 3.59
CA LYS A 45 21.39 -3.32 3.16
C LYS A 45 22.26 -3.01 1.93
N ASP A 46 21.72 -2.30 0.96
CA ASP A 46 22.49 -2.01 -0.25
C ASP A 46 23.70 -1.11 0.05
N ILE A 47 23.58 -0.19 0.98
CA ILE A 47 24.73 0.64 1.36
C ILE A 47 25.79 -0.16 2.10
N ALA A 48 25.35 -0.96 3.08
CA ALA A 48 26.28 -1.71 3.89
C ALA A 48 26.99 -2.82 3.10
N ASN A 49 26.38 -3.26 2.00
N ASN A 49 26.36 -3.24 2.00
CA ASN A 49 26.98 -4.31 1.15
CA ASN A 49 26.92 -4.27 1.13
C ASN A 49 28.07 -3.77 0.23
C ASN A 49 28.15 -3.77 0.37
N LEU A 50 28.25 -2.46 0.18
CA LEU A 50 29.38 -1.91 -0.58
C LEU A 50 30.68 -2.26 0.14
N PRO A 51 31.78 -2.41 -0.59
CA PRO A 51 33.04 -2.58 0.09
C PRO A 51 33.40 -1.39 0.93
N TYR A 52 34.21 -1.61 1.97
CA TYR A 52 34.67 -0.48 2.76
C TYR A 52 35.32 0.58 1.92
N GLN A 53 36.13 0.18 0.92
CA GLN A 53 36.80 1.19 0.12
C GLN A 53 35.84 2.23 -0.45
N SER A 54 34.62 1.78 -0.77
CA SER A 54 33.63 2.69 -1.37
C SER A 54 32.96 3.61 -0.37
N LEU A 55 33.16 3.33 0.92
CA LEU A 55 32.50 4.01 2.00
C LEU A 55 33.37 4.94 2.84
N ILE A 56 34.68 4.84 2.69
CA ILE A 56 35.60 5.46 3.66
C ILE A 56 36.27 6.75 3.20
N THR A 57 35.97 7.21 2.00
CA THR A 57 36.29 8.57 1.66
C THR A 57 35.01 9.28 1.24
N GLU A 58 34.97 10.59 1.45
CA GLU A 58 33.79 11.37 1.12
C GLU A 58 33.51 11.38 -0.37
N GLU A 59 34.55 11.43 -1.19
CA GLU A 59 34.32 11.40 -2.64
C GLU A 59 33.76 10.06 -3.07
N ASN A 60 34.21 8.97 -2.43
CA ASN A 60 33.66 7.67 -2.74
C ASN A 60 32.22 7.56 -2.26
N ILE A 61 31.89 8.11 -1.09
CA ILE A 61 30.50 8.13 -0.63
C ILE A 61 29.65 8.85 -1.71
N ILE A 62 30.09 10.02 -2.18
CA ILE A 62 29.31 10.77 -3.17
C ILE A 62 29.07 9.90 -4.39
N ASN A 63 30.14 9.30 -4.93
CA ASN A 63 30.05 8.61 -6.20
C ASN A 63 29.44 7.21 -6.12
N ASN A 64 29.52 6.54 -4.96
CA ASN A 64 29.07 5.19 -4.83
C ASN A 64 27.73 5.08 -4.08
N VAL A 65 27.58 5.86 -3.02
CA VAL A 65 26.32 5.87 -2.28
C VAL A 65 25.29 6.80 -2.94
N GLY A 66 25.75 7.94 -3.49
CA GLY A 66 24.85 8.90 -4.11
C GLY A 66 23.85 8.31 -5.09
N PRO A 67 24.33 7.51 -6.06
CA PRO A 67 23.38 6.94 -7.03
C PRO A 67 22.33 6.06 -6.36
N ILE A 68 22.74 5.30 -5.35
CA ILE A 68 21.80 4.46 -4.63
C ILE A 68 20.71 5.30 -3.98
N LEU A 69 21.12 6.39 -3.30
CA LEU A 69 20.14 7.26 -2.66
C LEU A 69 19.13 7.79 -3.70
N LYS A 70 19.65 8.20 -4.85
CA LYS A 70 18.84 8.76 -5.90
C LYS A 70 17.84 7.78 -6.46
N TYR A 71 18.32 6.59 -6.83
CA TYR A 71 17.41 5.58 -7.39
C TYR A 71 16.33 5.22 -6.38
N TYR A 72 16.73 5.01 -5.11
CA TYR A 72 15.75 4.72 -4.11
C TYR A 72 14.74 5.83 -3.91
N ARG A 73 15.24 7.09 -3.87
CA ARG A 73 14.33 8.23 -3.75
C ARG A 73 13.30 8.22 -4.88
N HIS A 74 13.77 8.04 -6.09
CA HIS A 74 12.85 8.02 -7.23
C HIS A 74 11.86 6.87 -7.15
N SER A 75 12.32 5.70 -6.72
CA SER A 75 11.49 4.51 -6.72
C SER A 75 10.20 4.71 -5.94
N ILE A 76 10.29 5.44 -4.84
N ILE A 76 10.24 5.43 -4.83
CA ILE A 76 9.17 5.65 -3.93
CA ILE A 76 9.02 5.68 -4.07
C ILE A 76 8.65 7.10 -3.93
C ILE A 76 8.56 7.11 -4.01
N ASN A 77 9.24 7.97 -4.76
CA ASN A 77 8.93 9.40 -4.73
C ASN A 77 9.07 10.00 -3.36
N ALA A 78 10.16 9.68 -2.66
CA ALA A 78 10.46 10.33 -1.39
C ALA A 78 10.92 11.76 -1.66
N LEU A 79 10.82 12.58 -0.63
CA LEU A 79 11.21 13.99 -0.76
C LEU A 79 12.73 14.15 -0.68
N ASN A 80 13.34 13.49 0.30
CA ASN A 80 14.78 13.53 0.54
C ASN A 80 15.21 12.14 0.95
N VAL A 81 16.41 11.75 0.52
CA VAL A 81 17.03 10.51 1.02
C VAL A 81 18.52 10.88 1.23
N TYR A 82 19.09 10.51 2.37
CA TYR A 82 20.37 11.08 2.77
C TYR A 82 21.14 10.16 3.69
N LEU A 83 22.44 10.44 3.77
CA LEU A 83 23.32 9.71 4.69
C LEU A 83 24.18 10.73 5.45
N GLY A 84 23.94 10.80 6.75
CA GLY A 84 24.66 11.73 7.64
C GLY A 84 25.88 11.09 8.26
N LEU A 85 27.00 11.81 8.26
CA LEU A 85 28.29 11.28 8.71
C LEU A 85 28.72 11.94 10.02
N ASN A 86 29.61 11.25 10.74
CA ASN A 86 30.04 11.74 12.06
C ASN A 86 30.86 13.01 12.00
N ASN A 87 31.31 13.41 10.81
CA ASN A 87 31.98 14.70 10.66
C ASN A 87 31.02 15.86 10.45
N GLY A 88 29.70 15.57 10.52
CA GLY A 88 28.69 16.58 10.38
C GLY A 88 28.18 16.82 8.98
N LYS A 89 28.81 16.20 8.00
CA LYS A 89 28.34 16.34 6.61
C LYS A 89 27.25 15.33 6.33
N VAL A 90 26.39 15.69 5.38
CA VAL A 90 25.31 14.81 4.95
C VAL A 90 25.26 14.76 3.44
N LEU A 91 25.25 13.54 2.92
CA LEU A 91 25.04 13.34 1.49
C LEU A 91 23.55 13.34 1.21
N LEU A 92 23.09 14.32 0.46
CA LEU A 92 21.65 14.59 0.30
C LEU A 92 21.20 14.44 -1.13
N SER A 93 20.24 13.51 -1.35
CA SER A 93 19.50 13.41 -2.61
C SER A 93 18.12 14.01 -2.41
N GLN A 94 17.85 15.12 -3.12
CA GLN A 94 16.64 15.90 -2.83
C GLN A 94 15.86 16.02 -4.06
N LYS A 95 14.55 15.99 -3.83
CA LYS A 95 13.62 16.26 -4.91
C LYS A 95 13.84 17.65 -5.47
N SER A 96 13.91 17.69 -6.74
CA SER A 96 14.20 18.95 -7.43
C SER A 96 13.59 19.00 -8.83
N MET A 101 23.57 15.87 -9.17
CA MET A 101 23.65 14.68 -8.37
C MET A 101 23.64 15.03 -6.89
N PRO A 102 23.55 14.02 -6.04
CA PRO A 102 23.56 14.32 -4.64
C PRO A 102 24.80 15.06 -4.21
N GLU A 103 24.61 15.94 -3.24
CA GLU A 103 25.65 16.85 -2.75
C GLU A 103 25.97 16.52 -1.31
N LEU A 104 27.25 16.70 -0.95
CA LEU A 104 27.70 16.57 0.40
C LEU A 104 27.66 17.94 1.06
N ARG A 105 26.68 18.12 1.92
CA ARG A 105 26.38 19.40 2.57
C ARG A 105 26.96 19.46 3.97
N ASP A 106 27.65 20.58 4.25
CA ASP A 106 28.25 20.76 5.58
C ASP A 106 27.52 21.74 6.50
N ASP A 107 26.37 22.23 6.05
CA ASP A 107 25.70 23.36 6.67
C ASP A 107 24.36 23.04 7.33
N LEU A 108 24.07 21.75 7.55
CA LEU A 108 22.76 21.35 7.97
C LEU A 108 22.61 20.92 9.44
N ASP A 109 23.66 21.10 10.22
CA ASP A 109 23.60 20.94 11.68
C ASP A 109 23.01 19.58 12.06
N ILE A 110 23.52 18.53 11.45
CA ILE A 110 22.83 17.25 11.55
C ILE A 110 22.88 16.62 12.93
N LYS A 111 23.90 16.91 13.72
CA LYS A 111 23.98 16.31 15.03
C LYS A 111 23.03 16.93 16.07
N THR A 112 22.33 17.98 15.69
CA THR A 112 21.29 18.57 16.52
C THR A 112 19.95 17.94 16.26
N LYS A 113 19.88 17.11 15.22
CA LYS A 113 18.59 16.60 14.76
C LYS A 113 18.19 15.32 15.50
N ASP A 114 16.92 15.22 15.85
CA ASP A 114 16.41 14.00 16.47
C ASP A 114 16.60 12.79 15.55
N TRP A 115 16.35 12.93 14.26
CA TRP A 115 16.48 11.76 13.39
C TRP A 115 17.89 11.19 13.45
N TYR A 116 18.89 12.05 13.64
CA TYR A 116 20.28 11.60 13.71
C TYR A 116 20.56 11.01 15.10
N GLN A 117 20.32 11.84 16.14
CA GLN A 117 20.62 11.41 17.52
C GLN A 117 19.91 10.12 17.88
N GLU A 118 18.62 10.02 17.54
CA GLU A 118 17.83 8.87 18.00
C GLU A 118 18.18 7.60 17.24
N ALA A 119 18.63 7.73 15.99
CA ALA A 119 19.10 6.54 15.28
C ALA A 119 20.31 5.87 15.92
N LEU A 120 21.13 6.68 16.57
CA LEU A 120 22.30 6.17 17.28
C LEU A 120 21.99 5.53 18.62
N LYS A 121 20.75 5.68 19.08
CA LYS A 121 20.33 5.17 20.40
C LYS A 121 19.44 3.92 20.34
N THR A 122 19.15 3.45 19.12
CA THR A 122 18.39 2.24 18.89
C THR A 122 19.03 1.47 17.70
N ASN A 123 18.84 0.16 17.68
CA ASN A 123 19.18 -0.66 16.56
C ASN A 123 18.02 -0.86 15.58
N ASP A 124 16.89 -0.24 15.87
CA ASP A 124 15.80 -0.20 14.94
C ASP A 124 15.82 1.04 14.06
N ILE A 125 14.89 1.05 13.12
CA ILE A 125 14.51 2.27 12.44
C ILE A 125 13.81 3.19 13.40
N PHE A 126 14.17 4.48 13.38
CA PHE A 126 13.51 5.52 14.15
C PHE A 126 12.56 6.30 13.27
N VAL A 127 11.35 6.55 13.76
CA VAL A 127 10.34 7.28 13.01
C VAL A 127 10.00 8.55 13.75
N THR A 128 10.23 9.70 13.12
CA THR A 128 9.95 10.97 13.74
C THR A 128 8.45 11.30 13.67
N PRO A 129 7.98 12.15 14.58
CA PRO A 129 6.75 12.89 14.33
C PRO A 129 6.91 13.72 13.08
N ALA A 130 5.80 14.14 12.48
CA ALA A 130 5.86 15.03 11.37
C ALA A 130 6.48 16.38 11.76
N TYR A 131 7.27 16.93 10.86
CA TYR A 131 7.94 18.22 11.09
C TYR A 131 8.25 18.88 9.77
N LEU A 132 8.53 20.18 9.83
CA LEU A 132 8.81 20.93 8.63
C LEU A 132 10.25 20.75 8.16
N ASP A 133 10.40 20.13 7.00
CA ASP A 133 11.76 19.85 6.47
C ASP A 133 12.58 21.14 6.37
N THR A 134 13.84 21.05 6.76
CA THR A 134 14.75 22.18 6.74
C THR A 134 15.03 22.67 5.32
N VAL A 135 15.17 21.74 4.38
CA VAL A 135 15.64 22.10 3.04
C VAL A 135 14.49 22.47 2.08
N LEU A 136 13.44 21.68 2.08
CA LEU A 136 12.36 21.86 1.12
C LEU A 136 11.10 22.49 1.73
N LYS A 137 11.04 22.61 3.06
CA LYS A 137 9.91 23.28 3.72
C LYS A 137 8.58 22.62 3.33
N GLN A 138 8.59 21.30 3.44
CA GLN A 138 7.37 20.50 3.44
C GLN A 138 7.31 19.70 4.74
N TYR A 139 6.10 19.38 5.20
CA TYR A 139 6.00 18.53 6.37
C TYR A 139 6.30 17.09 5.96
N VAL A 140 7.21 16.47 6.71
CA VAL A 140 7.71 15.11 6.44
C VAL A 140 7.66 14.27 7.68
N ILE A 141 7.56 12.96 7.48
CA ILE A 141 7.88 11.97 8.47
C ILE A 141 9.23 11.35 8.03
N THR A 142 10.18 11.30 8.96
CA THR A 142 11.50 10.79 8.67
C THR A 142 11.67 9.41 9.29
N TYR A 143 12.21 8.52 8.48
CA TYR A 143 12.64 7.18 8.90
C TYR A 143 14.15 7.20 8.87
N SER A 144 14.77 6.96 10.02
CA SER A 144 16.23 6.97 10.08
C SER A 144 16.79 5.67 10.62
N LYS A 145 18.01 5.38 10.25
CA LYS A 145 18.61 4.08 10.61
C LYS A 145 20.15 4.26 10.60
N ALA A 146 20.79 3.93 11.71
CA ALA A 146 22.25 3.88 11.77
C ALA A 146 22.71 2.64 11.01
N ILE A 147 23.58 2.88 10.03
N ILE A 147 23.55 2.87 10.00
CA ILE A 147 24.07 1.84 9.15
CA ILE A 147 24.05 1.82 9.16
C ILE A 147 25.45 1.38 9.60
C ILE A 147 25.43 1.39 9.63
N TYR A 148 25.57 0.09 9.87
CA TYR A 148 26.83 -0.50 10.29
C TYR A 148 27.31 -1.52 9.29
N LYS A 149 28.61 -1.59 9.11
CA LYS A 149 29.21 -2.63 8.29
C LYS A 149 30.27 -3.32 9.16
N ASP A 150 30.11 -4.62 9.39
CA ASP A 150 31.05 -5.36 10.24
C ASP A 150 31.09 -4.73 11.64
N GLY A 151 29.98 -4.15 12.10
CA GLY A 151 29.96 -3.51 13.44
C GLY A 151 30.46 -2.08 13.50
N LYS A 152 30.93 -1.58 12.37
CA LYS A 152 31.49 -0.25 12.25
C LYS A 152 30.41 0.70 11.70
N ILE A 153 30.17 1.80 12.39
N ILE A 153 30.12 1.78 12.41
CA ILE A 153 29.19 2.79 11.92
CA ILE A 153 29.14 2.75 11.89
C ILE A 153 29.67 3.48 10.66
C ILE A 153 29.65 3.47 10.66
N ILE A 154 28.80 3.50 9.63
CA ILE A 154 29.07 4.26 8.42
C ILE A 154 28.46 5.66 8.52
N GLY A 155 27.19 5.72 8.87
CA GLY A 155 26.48 6.97 9.10
C GLY A 155 25.03 6.67 9.36
N VAL A 156 24.24 7.72 9.43
CA VAL A 156 22.81 7.61 9.68
C VAL A 156 22.07 7.88 8.38
N LEU A 157 21.31 6.89 7.94
CA LEU A 157 20.44 7.01 6.76
C LEU A 157 19.16 7.70 7.18
N GLY A 158 18.68 8.61 6.34
CA GLY A 158 17.36 9.20 6.53
C GLY A 158 16.56 9.18 5.26
N VAL A 159 15.25 8.97 5.43
CA VAL A 159 14.28 8.96 4.34
C VAL A 159 13.11 9.83 4.77
N ASP A 160 12.84 10.90 3.99
CA ASP A 160 11.73 11.80 4.30
C ASP A 160 10.58 11.56 3.35
N ILE A 161 9.43 11.22 3.92
CA ILE A 161 8.22 11.00 3.18
C ILE A 161 7.24 12.12 3.55
N PRO A 162 6.61 12.80 2.55
CA PRO A 162 5.66 13.84 2.91
C PRO A 162 4.54 13.31 3.80
N SER A 163 4.29 13.97 4.92
CA SER A 163 3.18 13.60 5.78
C SER A 163 1.83 13.67 5.10
N GLU A 164 1.73 14.52 4.08
CA GLU A 164 0.52 14.59 3.27
C GLU A 164 0.19 13.21 2.67
N ASP A 165 1.21 12.41 2.38
CA ASP A 165 0.92 11.13 1.78
C ASP A 165 0.04 10.28 2.71
N LEU A 166 0.39 10.28 4.00
CA LEU A 166 -0.40 9.53 4.97
C LEU A 166 -1.77 10.19 5.19
N GLN A 167 -1.78 11.52 5.25
CA GLN A 167 -3.03 12.22 5.45
C GLN A 167 -4.01 11.88 4.34
N ASN A 168 -3.52 11.86 3.11
CA ASN A 168 -4.36 11.60 1.96
C ASN A 168 -4.89 10.16 2.00
N LEU A 169 -4.02 9.21 2.38
CA LEU A 169 -4.47 7.83 2.46
C LEU A 169 -5.56 7.67 3.49
N VAL A 170 -5.39 8.31 4.65
CA VAL A 170 -6.43 8.22 5.69
C VAL A 170 -7.75 8.86 5.20
N ALA A 171 -7.64 10.03 4.59
CA ALA A 171 -8.84 10.74 4.19
C ALA A 171 -9.67 9.94 3.19
N LYS A 172 -9.03 9.13 2.35
CA LYS A 172 -9.73 8.35 1.32
C LYS A 172 -10.49 7.15 1.89
N THR A 173 -10.21 6.75 3.14
CA THR A 173 -10.85 5.59 3.73
C THR A 173 -12.36 5.79 3.89
N PRO A 174 -13.13 4.71 3.90
CA PRO A 174 -14.54 4.84 4.27
C PRO A 174 -14.73 5.20 5.74
N GLY A 175 -15.91 5.72 6.05
CA GLY A 175 -16.19 6.04 7.40
C GLY A 175 -15.70 7.45 7.79
N ASN A 176 -16.36 7.97 8.81
CA ASN A 176 -16.00 9.26 9.40
C ASN A 176 -14.86 9.00 10.39
N THR A 177 -13.71 8.67 9.81
CA THR A 177 -12.50 8.32 10.59
C THR A 177 -11.53 9.49 10.55
N PHE A 178 -10.71 9.53 11.59
CA PHE A 178 -9.75 10.62 11.79
C PHE A 178 -8.62 10.16 12.69
N LEU A 179 -7.52 10.92 12.62
CA LEU A 179 -6.32 10.58 13.36
C LEU A 179 -5.88 11.82 14.14
N PHE A 180 -5.44 11.59 15.39
CA PHE A 180 -4.71 12.56 16.18
C PHE A 180 -3.25 12.14 16.22
N ASP A 181 -2.38 13.16 16.34
CA ASP A 181 -0.96 12.93 16.53
C ASP A 181 -0.66 12.78 18.01
N GLN A 182 0.62 12.66 18.27
CA GLN A 182 1.20 12.40 19.57
C GLN A 182 0.69 13.37 20.64
N LYS A 183 0.48 14.59 20.25
CA LYS A 183 0.10 15.69 21.12
C LYS A 183 -1.42 15.87 21.15
N ASN A 184 -2.16 14.90 20.64
CA ASN A 184 -3.63 14.94 20.54
C ASN A 184 -4.15 16.12 19.69
N LYS A 185 -3.35 16.55 18.74
N LYS A 185 -3.36 16.50 18.71
CA LYS A 185 -3.82 17.48 17.72
CA LYS A 185 -3.80 17.47 17.71
C LYS A 185 -4.29 16.70 16.49
C LYS A 185 -4.29 16.69 16.49
N ILE A 186 -5.36 17.16 15.87
CA ILE A 186 -5.89 16.50 14.72
C ILE A 186 -4.85 16.50 13.60
N PHE A 187 -4.73 15.37 12.91
CA PHE A 187 -3.68 15.13 11.93
C PHE A 187 -4.26 14.78 10.56
N ALA A 188 -5.30 13.94 10.54
CA ALA A 188 -5.90 13.55 9.26
C ALA A 188 -7.37 13.24 9.49
N ALA A 189 -8.18 13.40 8.44
CA ALA A 189 -9.63 13.12 8.55
C ALA A 189 -10.24 12.90 7.17
N THR A 190 -11.20 11.98 7.12
CA THR A 190 -12.02 11.83 5.93
C THR A 190 -12.86 13.08 5.65
N ASN A 191 -13.46 13.65 6.71
CA ASN A 191 -14.19 14.91 6.54
C ASN A 191 -13.25 16.08 6.87
N LYS A 192 -12.85 16.77 5.83
CA LYS A 192 -11.83 17.80 5.98
C LYS A 192 -12.20 18.88 7.03
N GLU A 193 -13.49 19.01 7.37
CA GLU A 193 -13.85 20.04 8.35
C GLU A 193 -13.32 19.80 9.77
N LEU A 194 -13.06 18.55 10.10
CA LEU A 194 -12.55 18.24 11.42
C LEU A 194 -11.16 18.79 11.65
N LEU A 195 -10.52 19.15 10.55
CA LEU A 195 -9.16 19.70 10.60
C LEU A 195 -9.11 21.17 11.07
N ASN A 196 -10.27 21.79 11.30
CA ASN A 196 -10.30 23.12 11.90
C ASN A 196 -9.66 23.07 13.27
N PRO A 197 -8.60 23.85 13.51
CA PRO A 197 -7.84 23.79 14.76
C PRO A 197 -8.62 24.25 15.96
N SER A 198 -9.74 24.88 15.68
CA SER A 198 -10.57 25.41 16.75
C SER A 198 -11.69 24.48 17.21
N ILE A 199 -11.90 23.37 16.50
CA ILE A 199 -12.74 22.31 17.04
C ILE A 199 -12.21 21.72 18.35
N ASP A 200 -13.08 21.65 19.38
CA ASP A 200 -12.76 20.94 20.63
C ASP A 200 -13.02 19.42 20.49
N HIS A 201 -11.97 18.60 20.63
CA HIS A 201 -12.13 17.12 20.57
C HIS A 201 -12.21 16.42 21.93
N SER A 202 -12.30 17.20 22.99
CA SER A 202 -12.40 16.63 24.34
C SER A 202 -13.41 15.48 24.54
N PRO A 203 -14.68 15.66 24.12
CA PRO A 203 -15.70 14.67 24.25
C PRO A 203 -15.27 13.28 23.77
N VAL A 204 -14.75 13.21 22.55
N VAL A 204 -14.73 13.21 22.56
CA VAL A 204 -14.28 11.96 22.02
CA VAL A 204 -14.29 11.94 22.01
C VAL A 204 -13.04 11.50 22.78
C VAL A 204 -12.97 11.48 22.64
N LEU A 205 -12.08 12.42 22.96
CA LEU A 205 -10.82 12.03 23.61
C LEU A 205 -11.06 11.58 25.04
N ASN A 206 -12.00 12.21 25.72
CA ASN A 206 -12.34 11.78 27.10
C ASN A 206 -13.09 10.47 27.16
N ALA A 207 -13.97 10.27 26.20
CA ALA A 207 -14.68 9.00 26.09
C ALA A 207 -13.71 7.85 25.73
N TYR A 208 -12.74 8.15 24.85
CA TYR A 208 -11.65 7.19 24.57
C TYR A 208 -10.90 6.82 25.86
N LYS A 209 -10.41 7.82 26.59
CA LYS A 209 -9.71 7.58 27.88
C LYS A 209 -10.51 6.72 28.86
N LEU A 210 -11.83 6.92 28.92
CA LEU A 210 -12.69 6.12 29.82
C LEU A 210 -12.86 4.68 29.35
N ASN A 211 -12.95 4.50 28.03
CA ASN A 211 -13.37 3.21 27.48
C ASN A 211 -12.24 2.29 27.00
N GLY A 212 -11.16 2.89 26.48
CA GLY A 212 -10.01 2.13 26.01
C GLY A 212 -10.09 1.80 24.53
N ASP A 213 -9.14 1.02 24.05
CA ASP A 213 -8.97 0.78 22.64
C ASP A 213 -10.16 -0.02 22.13
N ASN A 214 -10.77 0.50 21.07
CA ASN A 214 -11.73 -0.24 20.26
C ASN A 214 -13.05 -0.48 21.00
N ASN A 215 -13.26 0.29 22.08
CA ASN A 215 -14.46 0.13 22.90
C ASN A 215 -15.46 1.24 22.58
N PHE A 216 -16.59 0.82 22.01
CA PHE A 216 -17.59 1.69 21.44
C PHE A 216 -18.22 2.47 22.60
N PHE A 217 -18.46 3.77 22.37
CA PHE A 217 -19.07 4.65 23.35
C PHE A 217 -20.12 5.62 22.76
N SER A 218 -20.99 6.12 23.64
CA SER A 218 -21.94 7.16 23.34
CA SER A 218 -21.91 7.18 23.29
C SER A 218 -21.43 8.51 23.86
N TYR A 219 -21.73 9.59 23.14
CA TYR A 219 -21.44 10.94 23.62
C TYR A 219 -22.42 11.91 22.96
N LYS A 220 -22.37 13.19 23.37
CA LYS A 220 -23.38 14.16 22.89
C LYS A 220 -22.69 15.27 22.12
N LEU A 221 -23.40 15.79 21.12
CA LEU A 221 -22.97 16.96 20.32
C LEU A 221 -24.23 17.76 20.06
N ASN A 222 -24.27 19.01 20.54
CA ASN A 222 -25.44 19.90 20.35
C ASN A 222 -26.72 19.21 20.82
N ASN A 223 -26.58 18.47 21.92
CA ASN A 223 -27.66 17.79 22.62
C ASN A 223 -28.18 16.53 21.92
N GLU A 224 -27.50 16.12 20.85
CA GLU A 224 -27.82 14.89 20.12
C GLU A 224 -26.78 13.81 20.42
N GLU A 225 -27.24 12.57 20.35
CA GLU A 225 -26.38 11.43 20.67
C GLU A 225 -25.58 10.99 19.47
N ARG A 226 -24.32 10.69 19.76
CA ARG A 226 -23.41 10.09 18.79
C ARG A 226 -22.75 8.87 19.38
N LEU A 227 -22.17 8.06 18.49
CA LEU A 227 -21.48 6.84 18.88
C LEU A 227 -20.08 6.85 18.27
N GLY A 228 -19.12 6.30 18.97
CA GLY A 228 -17.79 6.26 18.42
C GLY A 228 -16.86 5.27 19.07
N ALA A 229 -15.64 5.19 18.55
CA ALA A 229 -14.58 4.43 19.19
C ALA A 229 -13.27 5.00 18.73
N CYS A 230 -12.22 4.82 19.54
CA CYS A 230 -10.85 5.11 19.12
C CYS A 230 -9.93 3.98 19.50
N THR A 231 -8.72 4.03 18.94
CA THR A 231 -7.67 3.11 19.29
C THR A 231 -6.32 3.74 19.03
N LYS A 232 -5.34 3.34 19.81
CA LYS A 232 -3.96 3.77 19.61
C LYS A 232 -3.42 3.06 18.37
N VAL A 233 -2.69 3.80 17.53
CA VAL A 233 -1.97 3.23 16.42
C VAL A 233 -0.63 3.93 16.39
N PHE A 234 0.39 3.21 16.87
CA PHE A 234 1.71 3.82 17.16
C PHE A 234 1.49 4.98 18.12
N ALA A 235 1.99 6.19 17.82
CA ALA A 235 1.77 7.31 18.70
C ALA A 235 0.49 8.10 18.35
N TYR A 236 -0.19 7.65 17.30
CA TYR A 236 -1.44 8.28 16.87
C TYR A 236 -2.63 7.70 17.65
N THR A 237 -3.70 8.47 17.63
CA THR A 237 -4.98 7.97 18.06
C THR A 237 -5.97 8.01 16.90
N ALA A 238 -6.47 6.84 16.49
CA ALA A 238 -7.46 6.76 15.39
C ALA A 238 -8.85 6.66 15.97
N CYS A 239 -9.80 7.42 15.42
CA CYS A 239 -11.18 7.42 15.88
C CYS A 239 -12.17 7.33 14.72
N ILE A 240 -13.38 6.89 15.07
CA ILE A 240 -14.52 6.95 14.19
C ILE A 240 -15.69 7.44 15.03
N THR A 241 -16.56 8.28 14.45
CA THR A 241 -17.83 8.65 15.12
C THR A 241 -18.95 8.66 14.10
N GLU A 242 -20.18 8.54 14.59
CA GLU A 242 -21.36 8.61 13.75
C GLU A 242 -22.50 9.10 14.62
N SER A 243 -23.58 9.50 13.96
CA SER A 243 -24.82 9.82 14.66
C SER A 243 -25.41 8.55 15.25
N ALA A 244 -26.05 8.66 16.41
CA ALA A 244 -26.80 7.54 16.98
C ALA A 244 -28.22 7.39 16.44
N ASP A 245 -28.58 8.16 15.40
CA ASP A 245 -29.90 8.04 14.79
C ASP A 245 -30.19 6.61 14.34
N ILE A 246 -29.15 5.88 13.90
CA ILE A 246 -29.33 4.49 13.48
C ILE A 246 -29.97 3.62 14.57
N ILE A 247 -29.63 3.85 15.83
CA ILE A 247 -30.19 3.07 16.91
C ILE A 247 -31.44 3.70 17.53
N ASN A 248 -31.60 5.01 17.36
CA ASN A 248 -32.72 5.71 18.01
C ASN A 248 -33.94 5.93 17.12
N LYS A 249 -33.71 6.08 15.83
CA LYS A 249 -34.77 6.39 14.89
C LYS A 249 -34.99 5.20 13.97
N GLY B 1 -43.66 -12.27 -2.58
CA GLY B 1 -43.52 -10.81 -2.77
C GLY B 1 -42.25 -10.26 -2.14
N ILE B 2 -42.29 -8.98 -1.81
CA ILE B 2 -41.14 -8.36 -1.20
C ILE B 2 -40.90 -8.92 0.19
N ASP B 3 -39.67 -9.32 0.46
CA ASP B 3 -39.24 -9.71 1.81
C ASP B 3 -39.32 -8.54 2.78
N PRO B 4 -40.20 -8.63 3.78
CA PRO B 4 -40.37 -7.53 4.70
C PRO B 4 -39.08 -7.01 5.35
N PHE B 5 -38.11 -7.89 5.52
CA PHE B 5 -36.87 -7.46 6.18
C PHE B 5 -36.15 -6.42 5.36
N THR B 6 -36.35 -6.46 4.05
CA THR B 6 -35.65 -5.53 3.17
C THR B 6 -36.10 -4.07 3.31
N LYS B 7 -37.21 -3.87 4.03
CA LYS B 7 -37.69 -2.53 4.32
C LYS B 7 -37.17 -1.95 5.63
N THR B 8 -36.39 -2.71 6.36
CA THR B 8 -35.90 -2.25 7.68
C THR B 8 -34.67 -1.36 7.58
N SER B 9 -34.46 -0.54 8.61
CA SER B 9 -33.24 0.25 8.70
C SER B 9 -32.03 -0.67 8.95
N LEU B 10 -32.24 -1.79 9.64
CA LEU B 10 -31.17 -2.75 9.85
C LEU B 10 -30.65 -3.33 8.54
N TYR B 11 -31.54 -3.74 7.65
CA TYR B 11 -31.15 -4.24 6.35
C TYR B 11 -30.38 -3.19 5.58
N GLU B 12 -30.89 -1.97 5.56
CA GLU B 12 -30.22 -0.89 4.86
C GLU B 12 -28.79 -0.63 5.38
N SER B 13 -28.63 -0.58 6.69
N SER B 13 -28.65 -0.65 6.70
N SER B 13 -28.69 -0.55 6.72
CA SER B 13 -27.28 -0.33 7.20
CA SER B 13 -27.36 -0.38 7.32
CA SER B 13 -27.40 -0.44 7.44
C SER B 13 -26.36 -1.56 7.00
C SER B 13 -26.38 -1.55 7.19
C SER B 13 -26.44 -1.52 6.96
N THR B 14 -26.93 -2.76 7.02
CA THR B 14 -26.15 -3.95 6.71
C THR B 14 -25.62 -3.91 5.28
N LEU B 15 -26.46 -3.53 4.34
CA LEU B 15 -25.98 -3.41 2.98
C LEU B 15 -24.96 -2.27 2.83
N LYS B 16 -25.17 -1.18 3.58
CA LYS B 16 -24.20 -0.11 3.58
C LYS B 16 -22.81 -0.63 4.00
N ASN B 17 -22.79 -1.39 5.10
N ASN B 17 -22.72 -1.49 5.00
CA ASN B 17 -21.56 -2.06 5.57
CA ASN B 17 -21.40 -1.92 5.44
C ASN B 17 -20.93 -2.82 4.41
C ASN B 17 -20.84 -3.06 4.60
N GLN B 18 -21.69 -3.74 3.84
CA GLN B 18 -21.18 -4.60 2.79
C GLN B 18 -20.62 -3.80 1.64
N THR B 19 -21.33 -2.76 1.24
CA THR B 19 -20.84 -1.87 0.18
C THR B 19 -19.47 -1.28 0.58
N ASP B 20 -19.40 -0.75 1.80
CA ASP B 20 -18.16 -0.16 2.25
C ASP B 20 -17.00 -1.18 2.20
N LEU B 21 -17.26 -2.39 2.67
CA LEU B 21 -16.19 -3.40 2.67
C LEU B 21 -15.81 -3.84 1.27
N LEU B 22 -16.79 -3.95 0.37
CA LEU B 22 -16.42 -4.23 -1.01
C LEU B 22 -15.52 -3.12 -1.57
N LYS B 23 -15.84 -1.88 -1.25
CA LYS B 23 -15.05 -0.73 -1.76
C LYS B 23 -13.58 -0.79 -1.22
N VAL B 24 -13.40 -1.25 0.02
CA VAL B 24 -12.06 -1.43 0.55
C VAL B 24 -11.25 -2.43 -0.29
N THR B 25 -11.89 -3.50 -0.72
CA THR B 25 -11.21 -4.46 -1.62
C THR B 25 -10.94 -3.84 -2.98
N GLN B 26 -11.91 -3.10 -3.53
CA GLN B 26 -11.68 -2.34 -4.76
C GLN B 26 -10.44 -1.42 -4.62
N SER B 27 -10.39 -0.69 -3.52
CA SER B 27 -9.29 0.25 -3.29
C SER B 27 -7.97 -0.50 -3.21
N THR B 28 -7.99 -1.68 -2.61
CA THR B 28 -6.80 -2.50 -2.47
C THR B 28 -6.20 -2.81 -3.85
N VAL B 29 -7.06 -3.20 -4.77
CA VAL B 29 -6.63 -3.52 -6.13
C VAL B 29 -6.08 -2.27 -6.81
N GLU B 30 -6.85 -1.19 -6.72
CA GLU B 30 -6.45 0.06 -7.38
C GLU B 30 -5.08 0.54 -6.88
N ASP B 31 -4.86 0.47 -5.57
CA ASP B 31 -3.67 1.04 -4.97
C ASP B 31 -2.46 0.17 -5.30
N PHE B 32 -2.63 -1.14 -5.33
CA PHE B 32 -1.57 -2.04 -5.76
C PHE B 32 -1.11 -1.68 -7.19
N ARG B 33 -2.07 -1.57 -8.11
CA ARG B 33 -1.77 -1.21 -9.49
C ARG B 33 -1.05 0.13 -9.59
N SER B 34 -1.60 1.14 -8.93
N SER B 34 -1.60 1.15 -8.95
N SER B 34 -1.61 1.14 -8.93
CA SER B 34 -1.07 2.50 -9.05
CA SER B 34 -1.05 2.50 -9.09
CA SER B 34 -1.09 2.50 -9.02
C SER B 34 0.37 2.54 -8.54
C SER B 34 0.38 2.57 -8.53
C SER B 34 0.35 2.55 -8.54
N THR B 35 0.62 1.92 -7.40
CA THR B 35 1.95 1.92 -6.87
C THR B 35 2.95 1.26 -7.81
N ASN B 36 2.55 0.13 -8.37
CA ASN B 36 3.44 -0.60 -9.27
C ASN B 36 3.69 0.16 -10.58
N GLN B 37 2.66 0.80 -11.09
CA GLN B 37 2.81 1.63 -12.28
C GLN B 37 3.76 2.81 -12.02
N SER B 38 3.59 3.48 -10.88
N SER B 38 3.61 3.49 -10.89
CA SER B 38 4.45 4.62 -10.57
CA SER B 38 4.47 4.65 -10.63
C SER B 38 5.90 4.18 -10.47
C SER B 38 5.91 4.22 -10.42
N PHE B 39 6.11 3.07 -9.79
CA PHE B 39 7.46 2.50 -9.67
C PHE B 39 8.07 2.26 -11.06
N THR B 40 7.31 1.63 -11.94
CA THR B 40 7.80 1.29 -13.26
C THR B 40 8.14 2.54 -14.07
N ARG B 41 7.27 3.55 -13.98
CA ARG B 41 7.58 4.83 -14.65
C ARG B 41 8.86 5.48 -14.12
N ALA B 42 9.06 5.42 -12.80
CA ALA B 42 10.26 6.01 -12.23
C ALA B 42 11.51 5.29 -12.75
N LEU B 43 11.41 3.96 -12.84
CA LEU B 43 12.52 3.16 -13.34
C LEU B 43 12.84 3.47 -14.82
N GLU B 44 11.79 3.57 -15.62
CA GLU B 44 11.95 3.99 -17.03
C GLU B 44 12.70 5.32 -17.10
N LYS B 45 12.30 6.29 -16.27
CA LYS B 45 12.90 7.62 -16.34
C LYS B 45 14.38 7.58 -15.97
N ASP B 46 14.74 6.77 -14.99
CA ASP B 46 16.16 6.70 -14.59
C ASP B 46 16.99 5.96 -15.67
N ILE B 47 16.43 4.93 -16.29
CA ILE B 47 17.16 4.25 -17.36
C ILE B 47 17.37 5.21 -18.53
N ALA B 48 16.30 5.89 -18.93
CA ALA B 48 16.36 6.81 -20.07
C ALA B 48 17.19 8.06 -19.81
N ASN B 49 17.46 8.35 -18.53
N ASN B 49 17.47 8.31 -18.53
CA ASN B 49 18.36 9.47 -18.19
CA ASN B 49 18.34 9.41 -18.14
C ASN B 49 19.86 9.12 -18.34
C ASN B 49 19.84 9.12 -18.37
N LEU B 50 20.19 7.85 -18.55
CA LEU B 50 21.53 7.45 -18.85
C LEU B 50 21.88 8.08 -20.21
N PRO B 51 23.15 8.40 -20.39
CA PRO B 51 23.48 8.92 -21.72
C PRO B 51 23.31 7.90 -22.84
N TYR B 52 23.03 8.40 -24.04
CA TYR B 52 22.74 7.56 -25.21
C TYR B 52 23.84 6.50 -25.36
N GLN B 53 25.09 6.91 -25.17
CA GLN B 53 26.20 5.99 -25.43
C GLN B 53 26.18 4.80 -24.46
N SER B 54 25.65 5.02 -23.27
CA SER B 54 25.58 3.99 -22.23
C SER B 54 24.46 2.95 -22.48
N LEU B 55 23.64 3.19 -23.50
CA LEU B 55 22.42 2.37 -23.76
C LEU B 55 22.46 1.58 -25.07
N ILE B 56 23.59 1.65 -25.76
CA ILE B 56 23.69 1.13 -27.13
C ILE B 56 24.70 0.03 -27.41
N THR B 57 25.49 -0.37 -26.42
CA THR B 57 26.25 -1.63 -26.52
C THR B 57 25.85 -2.55 -25.37
N GLU B 58 25.98 -3.86 -25.56
CA GLU B 58 25.60 -4.80 -24.50
C GLU B 58 26.44 -4.58 -23.23
N GLU B 59 27.74 -4.39 -23.41
CA GLU B 59 28.63 -4.10 -22.28
C GLU B 59 28.16 -2.87 -21.48
N ASN B 60 27.84 -1.79 -22.18
CA ASN B 60 27.41 -0.57 -21.47
C ASN B 60 26.04 -0.80 -20.79
N ILE B 61 25.14 -1.53 -21.45
CA ILE B 61 23.85 -1.85 -20.84
C ILE B 61 24.06 -2.64 -19.54
N ILE B 62 24.88 -3.69 -19.61
CA ILE B 62 25.13 -4.50 -18.43
C ILE B 62 25.64 -3.60 -17.33
N ASN B 63 26.68 -2.82 -17.63
CA ASN B 63 27.35 -2.07 -16.58
C ASN B 63 26.54 -0.89 -16.02
N ASN B 64 25.73 -0.24 -16.87
CA ASN B 64 25.06 0.99 -16.48
C ASN B 64 23.59 0.78 -16.12
N VAL B 65 22.90 -0.07 -16.87
CA VAL B 65 21.50 -0.36 -16.55
C VAL B 65 21.38 -1.35 -15.36
N GLY B 66 22.25 -2.33 -15.32
CA GLY B 66 22.17 -3.41 -14.33
C GLY B 66 22.00 -2.89 -12.92
N PRO B 67 22.88 -1.98 -12.48
CA PRO B 67 22.77 -1.50 -11.10
C PRO B 67 21.40 -0.88 -10.82
N ILE B 68 20.87 -0.14 -11.79
CA ILE B 68 19.56 0.51 -11.59
C ILE B 68 18.47 -0.54 -11.39
N LEU B 69 18.47 -1.59 -12.21
CA LEU B 69 17.47 -2.66 -12.08
C LEU B 69 17.57 -3.24 -10.67
N LYS B 70 18.78 -3.51 -10.22
CA LYS B 70 19.00 -4.18 -8.92
C LYS B 70 18.53 -3.29 -7.78
N TYR B 71 18.92 -2.01 -7.78
CA TYR B 71 18.51 -1.16 -6.68
C TYR B 71 16.99 -1.00 -6.66
N TYR B 72 16.39 -0.78 -7.83
CA TYR B 72 14.95 -0.70 -7.90
C TYR B 72 14.28 -2.00 -7.40
N ARG B 73 14.77 -3.15 -7.86
CA ARG B 73 14.20 -4.43 -7.41
C ARG B 73 14.20 -4.48 -5.88
N HIS B 74 15.33 -4.15 -5.27
CA HIS B 74 15.43 -4.19 -3.81
C HIS B 74 14.46 -3.24 -3.15
N SER B 75 14.33 -2.04 -3.74
CA SER B 75 13.53 -1.02 -3.10
C SER B 75 12.08 -1.43 -2.80
N ILE B 76 11.53 -2.27 -3.68
N ILE B 76 11.51 -2.27 -3.65
CA ILE B 76 10.13 -2.69 -3.62
CA ILE B 76 10.13 -2.73 -3.44
C ILE B 76 10.00 -4.21 -3.35
C ILE B 76 10.00 -4.23 -3.26
N ASN B 77 11.13 -4.92 -3.32
CA ASN B 77 11.12 -6.39 -3.26
C ASN B 77 10.36 -7.04 -4.43
N ALA B 78 10.61 -6.52 -5.64
CA ALA B 78 10.05 -7.15 -6.81
C ALA B 78 10.71 -8.54 -6.99
N LEU B 79 10.04 -9.39 -7.77
CA LEU B 79 10.60 -10.74 -8.02
C LEU B 79 11.69 -10.69 -9.11
N ASN B 80 11.38 -10.04 -10.23
CA ASN B 80 12.31 -9.87 -11.34
C ASN B 80 12.16 -8.42 -11.82
N VAL B 81 13.27 -7.84 -12.20
CA VAL B 81 13.27 -6.54 -12.90
C VAL B 81 14.27 -6.67 -14.03
N TYR B 82 13.87 -6.27 -15.24
CA TYR B 82 14.66 -6.60 -16.42
C TYR B 82 14.46 -5.67 -17.57
N LEU B 83 15.46 -5.68 -18.46
CA LEU B 83 15.37 -4.97 -19.73
C LEU B 83 15.54 -5.95 -20.86
N GLY B 84 14.48 -6.13 -21.65
CA GLY B 84 14.55 -6.99 -22.81
C GLY B 84 15.01 -6.21 -24.03
N LEU B 85 15.96 -6.77 -24.77
CA LEU B 85 16.53 -6.08 -25.93
C LEU B 85 15.92 -6.61 -27.23
N ASN B 86 16.05 -5.80 -28.29
CA ASN B 86 15.58 -6.14 -29.65
C ASN B 86 16.27 -7.38 -30.22
N ASN B 87 17.44 -7.72 -29.68
CA ASN B 87 18.13 -8.93 -30.15
C ASN B 87 17.74 -10.18 -29.35
N GLY B 88 16.77 -10.01 -28.44
CA GLY B 88 16.21 -11.17 -27.78
C GLY B 88 16.91 -11.49 -26.47
N LYS B 89 18.00 -10.81 -26.16
CA LYS B 89 18.66 -10.97 -24.87
C LYS B 89 17.93 -10.14 -23.84
N VAL B 90 18.05 -10.52 -22.59
CA VAL B 90 17.40 -9.81 -21.49
C VAL B 90 18.39 -9.63 -20.35
N LEU B 91 18.52 -8.39 -19.89
CA LEU B 91 19.28 -8.10 -18.69
C LEU B 91 18.39 -8.28 -17.48
N LEU B 92 18.66 -9.32 -16.69
CA LEU B 92 17.74 -9.77 -15.66
C LEU B 92 18.30 -9.63 -14.26
N SER B 93 17.61 -8.85 -13.45
CA SER B 93 17.87 -8.73 -12.00
C SER B 93 16.88 -9.58 -11.22
N GLN B 94 17.39 -10.58 -10.48
CA GLN B 94 16.57 -11.39 -9.59
C GLN B 94 17.43 -11.85 -8.39
N LYS B 95 16.79 -12.30 -7.32
CA LYS B 95 17.52 -12.87 -6.19
C LYS B 95 18.47 -13.94 -6.70
N SER B 96 19.67 -13.98 -6.11
CA SER B 96 20.60 -15.12 -6.26
C SER B 96 21.95 -14.83 -5.59
N ALA B 99 23.09 -11.99 -5.15
CA ALA B 99 24.50 -11.67 -4.97
C ALA B 99 25.05 -10.97 -6.21
N LYS B 100 25.30 -11.76 -7.25
CA LYS B 100 25.97 -11.24 -8.44
C LYS B 100 25.12 -10.19 -9.14
N MET B 101 25.73 -9.49 -10.08
CA MET B 101 25.07 -8.38 -10.73
C MET B 101 24.11 -8.96 -11.77
N PRO B 102 23.16 -8.17 -12.25
CA PRO B 102 22.31 -8.66 -13.31
C PRO B 102 23.14 -9.12 -14.51
N GLU B 103 22.67 -10.18 -15.13
CA GLU B 103 23.37 -10.73 -16.29
C GLU B 103 22.43 -10.77 -17.47
N LEU B 104 23.07 -10.74 -18.62
CA LEU B 104 22.40 -10.87 -19.92
CA LEU B 104 22.40 -10.85 -19.89
C LEU B 104 22.13 -12.33 -20.23
N ARG B 105 20.86 -12.69 -20.27
CA ARG B 105 20.41 -14.04 -20.64
C ARG B 105 20.04 -14.01 -22.12
N ASP B 106 20.46 -15.05 -22.85
CA ASP B 106 20.17 -15.14 -24.28
C ASP B 106 19.24 -16.31 -24.66
N ASP B 107 18.70 -16.99 -23.66
CA ASP B 107 17.97 -18.22 -23.88
C ASP B 107 16.53 -18.16 -23.35
N LEU B 108 15.97 -16.95 -23.27
CA LEU B 108 14.62 -16.78 -22.73
C LEU B 108 13.47 -16.43 -23.70
N ASP B 109 13.75 -16.32 -24.99
CA ASP B 109 12.71 -16.29 -26.02
C ASP B 109 11.80 -15.08 -25.83
N ILE B 110 12.36 -13.90 -25.55
CA ILE B 110 11.54 -12.80 -25.04
C ILE B 110 10.71 -12.09 -26.12
N LYS B 111 11.09 -12.15 -27.40
CA LYS B 111 10.56 -11.22 -28.41
C LYS B 111 9.11 -11.51 -28.84
N THR B 112 8.63 -12.70 -28.52
CA THR B 112 7.29 -13.08 -28.82
C THR B 112 6.41 -13.04 -27.57
N LYS B 113 6.95 -12.59 -26.43
CA LYS B 113 6.18 -12.53 -25.20
C LYS B 113 5.23 -11.35 -25.18
N ASP B 114 4.06 -11.53 -24.59
CA ASP B 114 3.04 -10.48 -24.67
C ASP B 114 3.55 -9.22 -23.94
N TRP B 115 4.27 -9.38 -22.84
CA TRP B 115 4.74 -8.20 -22.14
C TRP B 115 5.69 -7.41 -23.01
N TYR B 116 6.39 -8.14 -23.88
CA TYR B 116 7.30 -7.50 -24.80
C TYR B 116 6.52 -6.85 -25.95
N GLN B 117 5.76 -7.65 -26.70
CA GLN B 117 5.11 -7.12 -27.90
C GLN B 117 4.02 -6.11 -27.58
N GLU B 118 3.35 -6.29 -26.44
CA GLU B 118 2.33 -5.34 -26.06
C GLU B 118 2.91 -3.98 -25.68
N ALA B 119 4.08 -3.99 -25.07
CA ALA B 119 4.71 -2.73 -24.68
C ALA B 119 5.10 -1.91 -25.90
N LEU B 120 5.48 -2.61 -26.99
CA LEU B 120 5.93 -1.92 -28.20
C LEU B 120 4.79 -1.23 -28.94
N LYS B 121 3.59 -1.66 -28.69
CA LYS B 121 2.40 -1.20 -29.42
C LYS B 121 1.83 0.03 -28.78
N THR B 122 2.19 0.26 -27.52
CA THR B 122 1.56 1.29 -26.70
C THR B 122 2.64 2.15 -26.05
N ASN B 123 2.26 3.37 -25.67
CA ASN B 123 3.15 4.24 -24.94
C ASN B 123 2.83 4.10 -23.46
N ASP B 124 1.86 3.25 -23.14
CA ASP B 124 1.46 3.06 -21.77
C ASP B 124 2.27 1.92 -21.14
N ILE B 125 2.16 1.84 -19.82
CA ILE B 125 2.51 0.62 -19.15
C ILE B 125 1.49 -0.41 -19.54
N PHE B 126 2.00 -1.57 -19.89
CA PHE B 126 1.19 -2.74 -20.10
C PHE B 126 1.20 -3.56 -18.81
N VAL B 127 0.01 -4.02 -18.45
CA VAL B 127 -0.16 -4.86 -17.27
C VAL B 127 -0.69 -6.24 -17.69
N THR B 128 0.13 -7.29 -17.51
CA THR B 128 -0.27 -8.61 -17.91
C THR B 128 -1.28 -9.22 -16.93
N PRO B 129 -2.17 -10.11 -17.44
CA PRO B 129 -2.75 -11.03 -16.50
C PRO B 129 -1.69 -11.82 -15.80
N ALA B 130 -2.01 -12.38 -14.65
CA ALA B 130 -1.04 -13.18 -13.92
C ALA B 130 -0.70 -14.39 -14.78
N TYR B 131 0.55 -14.81 -14.68
CA TYR B 131 1.02 -16.00 -15.38
C TYR B 131 2.23 -16.58 -14.66
N LEU B 132 2.61 -17.80 -15.02
CA LEU B 132 3.67 -18.50 -14.31
C LEU B 132 5.03 -18.03 -14.81
N ASP B 133 5.81 -17.38 -13.96
CA ASP B 133 7.11 -16.87 -14.37
C ASP B 133 7.92 -17.96 -15.06
N THR B 134 8.58 -17.60 -16.15
CA THR B 134 9.42 -18.53 -16.90
C THR B 134 10.55 -19.08 -16.05
N VAL B 135 11.16 -18.23 -15.25
CA VAL B 135 12.36 -18.61 -14.50
C VAL B 135 12.03 -19.15 -13.12
N LEU B 136 11.30 -18.37 -12.32
CA LEU B 136 11.18 -18.73 -10.90
C LEU B 136 9.89 -19.46 -10.57
N LYS B 137 9.04 -19.67 -11.58
CA LYS B 137 7.85 -20.52 -11.43
C LYS B 137 7.00 -20.11 -10.23
N GLN B 138 6.81 -18.81 -10.12
CA GLN B 138 5.77 -18.21 -9.29
C GLN B 138 4.86 -17.43 -10.19
N TYR B 139 3.60 -17.35 -9.82
CA TYR B 139 2.68 -16.52 -10.58
C TYR B 139 2.95 -15.03 -10.36
N VAL B 140 3.09 -14.31 -11.47
CA VAL B 140 3.47 -12.90 -11.43
C VAL B 140 2.50 -12.10 -12.30
N ILE B 141 2.40 -10.82 -11.91
CA ILE B 141 1.86 -9.79 -12.76
C ILE B 141 3.04 -8.96 -13.24
N THR B 142 3.10 -8.73 -14.54
CA THR B 142 4.18 -8.00 -15.13
C THR B 142 3.70 -6.63 -15.58
N TYR B 143 4.47 -5.60 -15.22
CA TYR B 143 4.28 -4.25 -15.69
C TYR B 143 5.42 -4.01 -16.66
N SER B 144 5.09 -3.73 -17.91
CA SER B 144 6.13 -3.53 -18.91
C SER B 144 5.98 -2.18 -19.59
N LYS B 145 7.09 -1.72 -20.13
CA LYS B 145 7.12 -0.40 -20.73
C LYS B 145 8.25 -0.31 -21.72
N ALA B 146 7.96 0.14 -22.94
CA ALA B 146 9.01 0.37 -23.91
C ALA B 146 9.82 1.59 -23.54
N ILE B 147 11.13 1.43 -23.56
CA ILE B 147 12.04 2.48 -23.11
C ILE B 147 12.61 3.09 -24.36
N TYR B 148 12.50 4.41 -24.45
CA TYR B 148 13.01 5.14 -25.57
C TYR B 148 14.08 6.10 -25.06
N LYS B 149 15.11 6.27 -25.88
CA LYS B 149 16.16 7.26 -25.64
C LYS B 149 16.31 8.12 -26.91
N ASP B 150 16.08 9.43 -26.79
CA ASP B 150 16.08 10.32 -27.94
C ASP B 150 15.18 9.76 -29.07
N GLY B 151 14.04 9.22 -28.65
CA GLY B 151 13.02 8.70 -29.55
C GLY B 151 13.29 7.34 -30.17
N LYS B 152 14.37 6.68 -29.73
CA LYS B 152 14.80 5.39 -30.30
C LYS B 152 14.61 4.29 -29.26
N ILE B 153 13.99 3.21 -29.66
CA ILE B 153 13.72 2.07 -28.75
C ILE B 153 14.99 1.44 -28.28
N ILE B 154 15.16 1.39 -26.97
CA ILE B 154 16.32 0.71 -26.38
C ILE B 154 15.95 -0.74 -26.03
N GLY B 155 14.72 -0.92 -25.56
CA GLY B 155 14.27 -2.23 -25.15
C GLY B 155 12.99 -2.06 -24.38
N VAL B 156 12.55 -3.18 -23.81
CA VAL B 156 11.31 -3.21 -23.03
C VAL B 156 11.66 -3.53 -21.59
N LEU B 157 11.34 -2.61 -20.70
CA LEU B 157 11.47 -2.82 -19.27
C LEU B 157 10.33 -3.68 -18.78
N GLY B 158 10.64 -4.60 -17.89
CA GLY B 158 9.64 -5.41 -17.21
C GLY B 158 9.88 -5.46 -15.72
N VAL B 159 8.77 -5.41 -14.96
CA VAL B 159 8.78 -5.54 -13.49
C VAL B 159 7.79 -6.65 -13.14
N ASP B 160 8.25 -7.71 -12.47
CA ASP B 160 7.38 -8.82 -12.08
C ASP B 160 7.10 -8.71 -10.58
N ILE B 161 5.83 -8.64 -10.23
CA ILE B 161 5.41 -8.64 -8.84
C ILE B 161 4.58 -9.93 -8.64
N PRO B 162 4.90 -10.75 -7.62
CA PRO B 162 4.11 -11.98 -7.44
C PRO B 162 2.65 -11.63 -7.24
N SER B 163 1.77 -12.34 -7.93
CA SER B 163 0.37 -12.16 -7.70
C SER B 163 -0.05 -12.52 -6.29
N GLU B 164 0.75 -13.36 -5.62
CA GLU B 164 0.57 -13.63 -4.22
C GLU B 164 0.62 -12.40 -3.34
N ASP B 165 1.34 -11.35 -3.76
CA ASP B 165 1.33 -10.14 -2.97
C ASP B 165 -0.05 -9.50 -2.97
N LEU B 166 -0.74 -9.50 -4.13
CA LEU B 166 -2.10 -8.97 -4.18
C LEU B 166 -3.07 -9.88 -3.43
N GLN B 167 -2.89 -11.20 -3.54
N GLN B 167 -2.91 -11.20 -3.60
CA GLN B 167 -3.74 -12.13 -2.76
CA GLN B 167 -3.69 -12.16 -2.83
C GLN B 167 -3.62 -11.81 -1.29
C GLN B 167 -3.60 -11.88 -1.32
N ASN B 168 -2.39 -11.63 -0.85
CA ASN B 168 -2.18 -11.37 0.57
C ASN B 168 -2.80 -10.06 1.03
N LEU B 169 -2.73 -9.03 0.21
CA LEU B 169 -3.40 -7.78 0.55
C LEU B 169 -4.92 -7.96 0.65
N VAL B 170 -5.51 -8.65 -0.31
CA VAL B 170 -6.95 -8.85 -0.30
C VAL B 170 -7.34 -9.69 0.90
N ALA B 171 -6.58 -10.74 1.19
CA ALA B 171 -6.90 -11.60 2.32
C ALA B 171 -7.00 -10.84 3.63
N LYS B 172 -6.18 -9.80 3.81
CA LYS B 172 -6.16 -9.01 5.06
C LYS B 172 -7.34 -8.06 5.22
N THR B 173 -8.06 -7.79 4.13
CA THR B 173 -9.16 -6.84 4.21
C THR B 173 -10.29 -7.40 5.05
N PRO B 174 -11.07 -6.53 5.69
CA PRO B 174 -12.33 -6.98 6.31
C PRO B 174 -13.33 -7.47 5.28
N GLY B 175 -14.31 -8.22 5.77
CA GLY B 175 -15.37 -8.72 4.95
C GLY B 175 -15.00 -9.94 4.15
N ASN B 176 -16.03 -10.66 3.75
CA ASN B 176 -15.88 -11.85 2.95
C ASN B 176 -15.77 -11.49 1.49
N THR B 177 -14.63 -10.88 1.15
CA THR B 177 -14.40 -10.34 -0.15
C THR B 177 -13.44 -11.24 -0.93
N PHE B 178 -13.58 -11.20 -2.25
CA PHE B 178 -12.82 -12.04 -3.14
C PHE B 178 -12.69 -11.42 -4.51
N LEU B 179 -11.69 -11.84 -5.25
N LEU B 179 -11.83 -11.99 -5.32
CA LEU B 179 -11.49 -11.41 -6.64
CA LEU B 179 -11.45 -11.40 -6.58
C LEU B 179 -11.53 -12.59 -7.58
C LEU B 179 -11.35 -12.49 -7.65
N PHE B 180 -12.04 -12.29 -8.78
CA PHE B 180 -11.91 -13.17 -9.94
C PHE B 180 -11.04 -12.47 -10.95
N ASP B 181 -10.34 -13.25 -11.75
CA ASP B 181 -9.54 -12.73 -12.82
C ASP B 181 -10.37 -12.55 -14.08
N GLN B 182 -9.68 -12.08 -15.12
CA GLN B 182 -10.28 -11.71 -16.38
C GLN B 182 -11.08 -12.88 -17.02
N LYS B 183 -10.67 -14.09 -16.69
CA LYS B 183 -11.31 -15.31 -17.22
C LYS B 183 -12.36 -15.87 -16.24
N ASN B 184 -12.71 -15.06 -15.26
CA ASN B 184 -13.76 -15.42 -14.27
C ASN B 184 -13.34 -16.65 -13.45
N LYS B 185 -12.03 -16.76 -13.25
CA LYS B 185 -11.51 -17.77 -12.31
C LYS B 185 -11.16 -17.08 -10.98
N ILE B 186 -11.40 -17.78 -9.88
CA ILE B 186 -11.11 -17.24 -8.56
C ILE B 186 -9.60 -16.98 -8.47
N PHE B 187 -9.27 -15.82 -7.92
CA PHE B 187 -7.94 -15.29 -7.93
C PHE B 187 -7.42 -14.95 -6.52
N ALA B 188 -8.27 -14.35 -5.69
CA ALA B 188 -7.87 -14.01 -4.33
C ALA B 188 -9.09 -14.04 -3.42
N ALA B 189 -8.89 -14.26 -2.12
CA ALA B 189 -10.04 -14.36 -1.21
C ALA B 189 -9.60 -14.17 0.22
N THR B 190 -10.45 -13.49 0.99
CA THR B 190 -10.28 -13.41 2.43
C THR B 190 -10.40 -14.80 3.04
N ASN B 191 -11.44 -15.51 2.62
CA ASN B 191 -11.59 -16.90 3.00
C ASN B 191 -10.82 -17.78 2.01
N LYS B 192 -9.61 -18.19 2.37
CA LYS B 192 -8.75 -18.88 1.46
C LYS B 192 -9.33 -20.23 1.01
N GLU B 193 -10.43 -20.67 1.64
CA GLU B 193 -11.13 -21.86 1.12
C GLU B 193 -11.73 -21.64 -0.23
N LEU B 194 -12.16 -20.43 -0.49
CA LEU B 194 -12.80 -20.13 -1.76
C LEU B 194 -11.85 -20.37 -2.90
N LEU B 195 -10.52 -20.42 -2.61
CA LEU B 195 -9.55 -20.61 -3.68
C LEU B 195 -9.45 -22.03 -4.18
N ASN B 196 -10.03 -22.95 -3.44
CA ASN B 196 -9.95 -24.34 -3.87
C ASN B 196 -10.79 -24.53 -5.11
N PRO B 197 -10.30 -25.37 -6.03
CA PRO B 197 -11.01 -25.48 -7.30
C PRO B 197 -12.35 -26.21 -7.22
N SER B 198 -12.58 -26.93 -6.12
CA SER B 198 -13.86 -27.64 -5.96
C SER B 198 -15.03 -26.70 -5.60
N ILE B 199 -14.70 -25.45 -5.27
CA ILE B 199 -15.77 -24.48 -4.97
C ILE B 199 -16.40 -23.98 -6.25
N ASP B 200 -17.72 -24.13 -6.36
CA ASP B 200 -18.49 -23.67 -7.51
C ASP B 200 -18.84 -22.20 -7.35
N HIS B 201 -18.15 -21.35 -8.12
CA HIS B 201 -18.43 -19.93 -8.17
C HIS B 201 -19.40 -19.51 -9.27
N SER B 202 -19.96 -20.47 -9.98
N SER B 202 -19.97 -20.47 -9.99
CA SER B 202 -20.90 -20.13 -11.04
CA SER B 202 -20.90 -20.11 -11.05
C SER B 202 -22.14 -19.39 -10.50
C SER B 202 -22.18 -19.42 -10.53
N PRO B 203 -22.66 -19.81 -9.34
CA PRO B 203 -23.88 -19.10 -8.90
C PRO B 203 -23.66 -17.61 -8.59
N VAL B 204 -22.52 -17.28 -8.01
CA VAL B 204 -22.25 -15.89 -7.72
C VAL B 204 -22.01 -15.11 -9.02
N LEU B 205 -21.21 -15.68 -9.91
CA LEU B 205 -20.92 -15.04 -11.18
C LEU B 205 -22.14 -14.87 -12.06
N ASN B 206 -23.00 -15.86 -12.10
CA ASN B 206 -24.21 -15.79 -12.91
C ASN B 206 -25.15 -14.73 -12.35
N ALA B 207 -25.26 -14.64 -11.04
CA ALA B 207 -26.08 -13.58 -10.48
C ALA B 207 -25.51 -12.20 -10.74
N TYR B 208 -24.20 -12.05 -10.60
CA TYR B 208 -23.59 -10.77 -10.91
C TYR B 208 -23.87 -10.32 -12.37
N LYS B 209 -23.85 -11.28 -13.27
CA LYS B 209 -24.12 -10.98 -14.68
C LYS B 209 -25.47 -10.29 -14.88
N LEU B 210 -26.45 -10.65 -14.05
CA LEU B 210 -27.77 -10.08 -14.14
C LEU B 210 -27.88 -8.66 -13.55
N ASN B 211 -26.94 -8.29 -12.68
CA ASN B 211 -27.17 -7.19 -11.75
C ASN B 211 -26.29 -5.98 -11.91
N GLY B 212 -25.08 -6.17 -12.37
CA GLY B 212 -24.20 -5.03 -12.41
C GLY B 212 -23.62 -4.46 -11.13
N ASP B 213 -22.78 -3.45 -11.32
CA ASP B 213 -21.77 -3.17 -10.32
C ASP B 213 -22.41 -2.60 -9.06
N ASN B 214 -22.03 -3.18 -7.93
N ASN B 214 -22.04 -3.20 -7.94
CA ASN B 214 -22.44 -2.75 -6.61
CA ASN B 214 -22.45 -2.78 -6.61
C ASN B 214 -23.93 -2.82 -6.37
C ASN B 214 -23.87 -3.01 -6.23
N ASN B 215 -24.61 -3.69 -7.10
CA ASN B 215 -26.02 -3.97 -6.86
C ASN B 215 -26.16 -5.35 -6.18
N PHE B 216 -26.84 -5.38 -5.05
CA PHE B 216 -26.98 -6.60 -4.29
C PHE B 216 -27.93 -7.58 -4.94
N PHE B 217 -27.57 -8.86 -4.84
CA PHE B 217 -28.35 -9.94 -5.43
C PHE B 217 -28.41 -11.12 -4.50
N SER B 218 -29.47 -11.93 -4.66
CA SER B 218 -29.57 -13.22 -4.02
C SER B 218 -29.05 -14.30 -4.93
N TYR B 219 -28.41 -15.30 -4.34
CA TYR B 219 -28.02 -16.48 -5.05
C TYR B 219 -28.00 -17.64 -4.06
N LYS B 220 -27.86 -18.85 -4.59
CA LYS B 220 -27.85 -20.06 -3.76
C LYS B 220 -26.62 -20.89 -4.10
N LEU B 221 -25.99 -21.49 -3.09
CA LEU B 221 -24.98 -22.52 -3.29
C LEU B 221 -25.14 -23.63 -2.24
N ASN B 222 -25.18 -24.89 -2.69
CA ASN B 222 -25.37 -26.01 -1.78
C ASN B 222 -26.66 -25.85 -0.95
N ASN B 223 -27.69 -25.31 -1.57
CA ASN B 223 -28.97 -25.08 -0.90
C ASN B 223 -28.93 -24.07 0.27
N GLU B 224 -27.87 -23.24 0.31
CA GLU B 224 -27.79 -22.08 1.20
C GLU B 224 -28.08 -20.79 0.45
N GLU B 225 -29.04 -20.04 0.94
CA GLU B 225 -29.33 -18.70 0.38
C GLU B 225 -28.28 -17.71 0.84
N ARG B 226 -27.79 -16.91 -0.10
CA ARG B 226 -26.75 -15.93 0.15
C ARG B 226 -27.11 -14.60 -0.52
N LEU B 227 -26.38 -13.56 -0.12
CA LEU B 227 -26.53 -12.24 -0.68
C LEU B 227 -25.15 -11.79 -1.12
N GLY B 228 -25.02 -11.23 -2.30
CA GLY B 228 -23.75 -10.76 -2.78
C GLY B 228 -23.83 -9.46 -3.56
N ALA B 229 -22.66 -8.85 -3.76
CA ALA B 229 -22.52 -7.78 -4.72
C ALA B 229 -21.13 -7.88 -5.30
N CYS B 230 -20.99 -7.51 -6.57
CA CYS B 230 -19.69 -7.47 -7.20
C CYS B 230 -19.53 -6.20 -8.03
N THR B 231 -18.29 -5.89 -8.36
CA THR B 231 -17.95 -4.78 -9.21
C THR B 231 -16.73 -5.12 -10.04
N LYS B 232 -16.63 -4.47 -11.18
CA LYS B 232 -15.47 -4.65 -12.03
C LYS B 232 -14.43 -3.69 -11.45
N VAL B 233 -13.20 -4.17 -11.36
CA VAL B 233 -12.02 -3.35 -10.97
C VAL B 233 -10.87 -3.69 -11.94
N PHE B 234 -10.63 -2.81 -12.89
CA PHE B 234 -9.86 -3.16 -14.09
C PHE B 234 -10.42 -4.43 -14.72
N ALA B 235 -9.61 -5.44 -14.99
CA ALA B 235 -10.15 -6.65 -15.59
C ALA B 235 -10.62 -7.66 -14.54
N TYR B 236 -10.42 -7.37 -13.26
CA TYR B 236 -10.88 -8.27 -12.18
C TYR B 236 -12.35 -7.98 -11.89
N THR B 237 -12.96 -8.94 -11.22
CA THR B 237 -14.26 -8.80 -10.60
C THR B 237 -14.07 -8.97 -9.09
N ALA B 238 -14.44 -7.95 -8.33
CA ALA B 238 -14.37 -8.02 -6.88
C ALA B 238 -15.77 -8.26 -6.35
N CYS B 239 -15.89 -9.18 -5.39
CA CYS B 239 -17.20 -9.49 -4.82
C CYS B 239 -17.16 -9.57 -3.30
N ILE B 240 -18.32 -9.41 -2.68
CA ILE B 240 -18.54 -9.67 -1.27
C ILE B 240 -19.80 -10.50 -1.19
N THR B 241 -19.80 -11.49 -0.29
CA THR B 241 -21.01 -12.26 -0.09
C THR B 241 -21.18 -12.57 1.38
N GLU B 242 -22.43 -12.86 1.76
CA GLU B 242 -22.73 -13.28 3.11
C GLU B 242 -23.91 -14.24 3.08
N SER B 243 -24.02 -15.14 4.07
CA SER B 243 -25.22 -15.97 4.24
C SER B 243 -26.43 -15.07 4.42
N ALA B 244 -27.56 -15.48 3.87
CA ALA B 244 -28.80 -14.79 4.14
C ALA B 244 -29.15 -14.81 5.64
N ASP B 245 -28.76 -15.89 6.32
CA ASP B 245 -29.03 -16.03 7.73
C ASP B 245 -28.06 -15.23 8.62
N ILE B 246 -27.05 -14.60 8.02
N ILE B 246 -27.05 -14.60 8.02
CA ILE B 246 -26.26 -13.61 8.75
CA ILE B 246 -26.27 -13.60 8.75
C ILE B 246 -26.72 -12.18 8.42
C ILE B 246 -26.76 -12.19 8.43
N ILE B 247 -27.17 -11.97 7.19
CA ILE B 247 -27.79 -10.70 6.84
C ILE B 247 -29.06 -10.46 7.65
N ASN B 248 -29.90 -11.49 7.71
CA ASN B 248 -31.13 -11.46 8.49
C ASN B 248 -31.09 -12.62 9.48
N LYS B 249 -30.58 -12.38 10.68
CA LYS B 249 -30.35 -13.45 11.66
C LYS B 249 -31.70 -13.97 12.17
N PRO B 250 -31.99 -15.25 11.94
CA PRO B 250 -33.34 -15.74 12.30
C PRO B 250 -33.46 -15.86 13.80
N ILE B 251 -34.65 -15.59 14.30
CA ILE B 251 -34.91 -15.82 15.72
C ILE B 251 -34.80 -17.29 16.08
N TYR B 252 -35.24 -18.16 15.16
CA TYR B 252 -35.13 -19.59 15.31
C TYR B 252 -34.26 -20.13 14.20
N LYS B 253 -33.17 -20.79 14.58
CA LYS B 253 -32.18 -21.17 13.58
C LYS B 253 -32.66 -22.47 12.93
N ALA B 254 -32.32 -22.69 11.67
N ALA B 254 -32.32 -22.68 11.66
CA ALA B 254 -32.76 -23.89 10.97
CA ALA B 254 -32.78 -23.87 10.94
C ALA B 254 -32.18 -25.15 11.60
C ALA B 254 -32.28 -25.17 11.55
N SKG C . 14.58 16.46 6.81
CA SKG C . 15.93 16.58 7.39
C SKG C . 15.84 17.72 8.40
O SKG C . 15.10 18.72 8.16
CB SKG C . 16.96 16.78 6.24
CG SKG C . 18.38 16.75 6.83
CD1 SKG C . 19.31 16.27 5.71
CD2 SKG C . 18.79 18.16 7.36
OXT SKG C . 16.49 17.66 9.47
CAE SKG C . 16.67 17.98 5.34
S SO4 D . 14.62 14.84 -9.52
O1 SO4 D . 13.61 14.75 -8.42
O2 SO4 D . 15.11 16.23 -9.51
O3 SO4 D . 15.70 13.86 -9.19
O4 SO4 D . 14.09 14.63 -10.90
NA NA E . 6.55 -3.96 3.44
NA NA F . -12.58 7.26 6.55
NA NA G . 10.53 1.54 -4.06
N SKG H . 8.49 -12.98 -16.20
CA SKG H . 9.16 -12.97 -17.49
C SKG H . 8.51 -14.09 -18.32
O SKG H . 8.29 -13.89 -19.55
CB SKG H . 10.67 -12.95 -17.32
CG SKG H . 11.37 -12.81 -18.68
CD1 SKG H . 12.66 -11.97 -18.53
CD2 SKG H . 11.52 -14.23 -19.25
OXT SKG H . 8.28 -15.18 -17.77
CAE SKG H . 11.21 -14.04 -16.45
S SO4 I . 19.37 -10.42 -3.70
O1 SO4 I . 19.72 -10.09 -2.29
O2 SO4 I . 19.86 -9.40 -4.58
O3 SO4 I . 20.10 -11.65 -4.11
O4 SO4 I . 17.89 -10.62 -3.88
CL CL J . 13.93 -9.06 -4.91
#